data_4ONK
# 
_entry.id   4ONK 
# 
_audit_conform.dict_name       mmcif_pdbx.dic 
_audit_conform.dict_version    5.389 
_audit_conform.dict_location   http://mmcif.pdb.org/dictionaries/ascii/mmcif_pdbx.dic 
# 
loop_
_database_2.database_id 
_database_2.database_code 
_database_2.pdbx_database_accession 
_database_2.pdbx_DOI 
PDB   4ONK         pdb_00004onk 10.2210/pdb4onk/pdb 
RCSB  RCSB084717   ?            ?                   
WWPDB D_1000084717 ?            ?                   
# 
loop_
_pdbx_audit_revision_history.ordinal 
_pdbx_audit_revision_history.data_content_type 
_pdbx_audit_revision_history.major_revision 
_pdbx_audit_revision_history.minor_revision 
_pdbx_audit_revision_history.revision_date 
1 'Structure model' 1 0 2014-07-02 
2 'Structure model' 1 1 2014-08-06 
3 'Structure model' 1 2 2024-02-28 
4 'Structure model' 1 3 2024-04-03 
# 
_pdbx_audit_revision_details.ordinal             1 
_pdbx_audit_revision_details.revision_ordinal    1 
_pdbx_audit_revision_details.data_content_type   'Structure model' 
_pdbx_audit_revision_details.provider            repository 
_pdbx_audit_revision_details.type                'Initial release' 
_pdbx_audit_revision_details.description         ? 
_pdbx_audit_revision_details.details             ? 
# 
loop_
_pdbx_audit_revision_group.ordinal 
_pdbx_audit_revision_group.revision_ordinal 
_pdbx_audit_revision_group.data_content_type 
_pdbx_audit_revision_group.group 
1 2 'Structure model' 'Database references'    
2 3 'Structure model' 'Data collection'        
3 3 'Structure model' 'Database references'    
4 4 'Structure model' 'Refinement description' 
# 
loop_
_pdbx_audit_revision_category.ordinal 
_pdbx_audit_revision_category.revision_ordinal 
_pdbx_audit_revision_category.data_content_type 
_pdbx_audit_revision_category.category 
1 3 'Structure model' chem_comp_atom                
2 3 'Structure model' chem_comp_bond                
3 3 'Structure model' database_2                    
4 4 'Structure model' pdbx_initial_refinement_model 
# 
loop_
_pdbx_audit_revision_item.ordinal 
_pdbx_audit_revision_item.revision_ordinal 
_pdbx_audit_revision_item.data_content_type 
_pdbx_audit_revision_item.item 
1 3 'Structure model' '_database_2.pdbx_DOI'                
2 3 'Structure model' '_database_2.pdbx_database_accession' 
# 
_pdbx_database_status.entry_id                        4ONK 
_pdbx_database_status.status_code                     REL 
_pdbx_database_status.deposit_site                    RCSB 
_pdbx_database_status.process_site                    RCSB 
_pdbx_database_status.recvd_initial_deposition_date   2014-01-28 
_pdbx_database_status.status_code_sf                  REL 
_pdbx_database_status.status_code_mr                  ? 
_pdbx_database_status.SG_entry                        ? 
_pdbx_database_status.status_code_cs                  ? 
_pdbx_database_status.methods_development_category    ? 
_pdbx_database_status.pdb_format_compatible           Y 
_pdbx_database_status.status_code_nmr_data            ? 
# 
_pdbx_database_related.db_name        PDB 
_pdbx_database_related.db_id          4OLR 
_pdbx_database_related.details        'Leu-5 Enkephalin mutant' 
_pdbx_database_related.content_type   unspecified 
# 
loop_
_audit_author.name 
_audit_author.pdbx_ordinal 
'Sangwan, S.'     1 
'Eisenberg, D.'   2 
'Sawaya, M.R.'    3 
'Do, T.D.'        4 
'Bowers, M.T.'    5 
'Lapointe, N.E.'  6 
'Teplow, D.B.'    7 
'Feinstein, S.C.' 8 
# 
_citation.id                        primary 
_citation.title                     
;Factors that drive Peptide assembly from native to amyloid structures: experimental and theoretical analysis of [leu-5]-enkephalin mutants.
;
_citation.journal_abbrev            J.Phys.Chem.B 
_citation.journal_volume            118 
_citation.page_first                7247 
_citation.page_last                 7256 
_citation.year                      2014 
_citation.journal_id_ASTM           JPCBFK 
_citation.country                   US 
_citation.journal_id_ISSN           1089-5647 
_citation.journal_id_CSD            1278 
_citation.book_publisher            ? 
_citation.pdbx_database_id_PubMed   24915112 
_citation.pdbx_database_id_DOI      10.1021/jp502473s 
# 
loop_
_citation_author.citation_id 
_citation_author.name 
_citation_author.ordinal 
_citation_author.identifier_ORCID 
primary 'Do, T.D.'        1 ? 
primary 'LaPointe, N.E.'  2 ? 
primary 'Sangwan, S.'     3 ? 
primary 'Teplow, D.B.'    4 ? 
primary 'Feinstein, S.C.' 5 ? 
primary 'Sawaya, M.R.'    6 ? 
primary 'Eisenberg, D.S.' 7 ? 
primary 'Bowers, M.T.'    8 ? 
# 
loop_
_entity.id 
_entity.type 
_entity.src_method 
_entity.pdbx_description 
_entity.formula_weight 
_entity.pdbx_number_of_molecules 
_entity.pdbx_ec 
_entity.pdbx_mutation 
_entity.pdbx_fragment 
_entity.details 
1 polymer syn '[Leu-5]-Enkephalin mutant - YVVFL' 639.782 2 ? ? ? ? 
2 water   nat water                               18.015  3 ? ? ? ? 
# 
_entity_poly.entity_id                      1 
_entity_poly.type                           'polypeptide(L)' 
_entity_poly.nstd_linkage                   no 
_entity_poly.nstd_monomer                   no 
_entity_poly.pdbx_seq_one_letter_code       YVVFL 
_entity_poly.pdbx_seq_one_letter_code_can   YVVFL 
_entity_poly.pdbx_strand_id                 A,B 
_entity_poly.pdbx_target_identifier         ? 
# 
_pdbx_entity_nonpoly.entity_id   2 
_pdbx_entity_nonpoly.name        water 
_pdbx_entity_nonpoly.comp_id     HOH 
# 
loop_
_entity_poly_seq.entity_id 
_entity_poly_seq.num 
_entity_poly_seq.mon_id 
_entity_poly_seq.hetero 
1 1 TYR n 
1 2 VAL n 
1 3 VAL n 
1 4 PHE n 
1 5 LEU n 
# 
_pdbx_entity_src_syn.entity_id              1 
_pdbx_entity_src_syn.pdbx_src_id            1 
_pdbx_entity_src_syn.pdbx_alt_source_flag   sample 
_pdbx_entity_src_syn.pdbx_beg_seq_num       ? 
_pdbx_entity_src_syn.pdbx_end_seq_num       ? 
_pdbx_entity_src_syn.organism_scientific    'synthetic construct' 
_pdbx_entity_src_syn.organism_common_name   ? 
_pdbx_entity_src_syn.ncbi_taxonomy_id       32630 
_pdbx_entity_src_syn.details                synthesized 
# 
loop_
_chem_comp.id 
_chem_comp.type 
_chem_comp.mon_nstd_flag 
_chem_comp.name 
_chem_comp.pdbx_synonyms 
_chem_comp.formula 
_chem_comp.formula_weight 
HOH non-polymer         . WATER         ? 'H2 O'        18.015  
LEU 'L-peptide linking' y LEUCINE       ? 'C6 H13 N O2' 131.173 
PHE 'L-peptide linking' y PHENYLALANINE ? 'C9 H11 N O2' 165.189 
TYR 'L-peptide linking' y TYROSINE      ? 'C9 H11 N O3' 181.189 
VAL 'L-peptide linking' y VALINE        ? 'C5 H11 N O2' 117.146 
# 
loop_
_pdbx_poly_seq_scheme.asym_id 
_pdbx_poly_seq_scheme.entity_id 
_pdbx_poly_seq_scheme.seq_id 
_pdbx_poly_seq_scheme.mon_id 
_pdbx_poly_seq_scheme.ndb_seq_num 
_pdbx_poly_seq_scheme.pdb_seq_num 
_pdbx_poly_seq_scheme.auth_seq_num 
_pdbx_poly_seq_scheme.pdb_mon_id 
_pdbx_poly_seq_scheme.auth_mon_id 
_pdbx_poly_seq_scheme.pdb_strand_id 
_pdbx_poly_seq_scheme.pdb_ins_code 
_pdbx_poly_seq_scheme.hetero 
A 1 1 TYR 1 1 1 TYR TYR A . n 
A 1 2 VAL 2 2 2 VAL VAL A . n 
A 1 3 VAL 3 3 3 VAL VAL A . n 
A 1 4 PHE 4 4 4 PHE PHE A . n 
A 1 5 LEU 5 5 5 LEU LEU A . n 
B 1 1 TYR 1 1 1 TYR TYR B . n 
B 1 2 VAL 2 2 2 VAL VAL B . n 
B 1 3 VAL 3 3 3 VAL VAL B . n 
B 1 4 PHE 4 4 4 PHE PHE B . n 
B 1 5 LEU 5 5 5 LEU LEU B . n 
# 
loop_
_pdbx_nonpoly_scheme.asym_id 
_pdbx_nonpoly_scheme.entity_id 
_pdbx_nonpoly_scheme.mon_id 
_pdbx_nonpoly_scheme.ndb_seq_num 
_pdbx_nonpoly_scheme.pdb_seq_num 
_pdbx_nonpoly_scheme.auth_seq_num 
_pdbx_nonpoly_scheme.pdb_mon_id 
_pdbx_nonpoly_scheme.auth_mon_id 
_pdbx_nonpoly_scheme.pdb_strand_id 
_pdbx_nonpoly_scheme.pdb_ins_code 
C 2 HOH 1 101 2 HOH HOH A . 
D 2 HOH 1 101 4 HOH HOH B . 
D 2 HOH 2 102 3 HOH HOH B . 
# 
loop_
_software.pdbx_ordinal 
_software.name 
_software.version 
_software.date 
_software.type 
_software.contact_author 
_software.contact_author_email 
_software.classification 
_software.location 
_software.language 
_software.citation_id 
1 DENZO       .        ?                                program 'Zbyszek Otwinowski' hkl@hkl-xray.com            'data reduction'  
http://www.hkl-xray.com/                    ?   ? 
2 SCALEPACK   .        ?                                program 'Zbyszek Otwinowski' hkl@hkl-xray.com            'data scaling'    
http://www.hkl-xray.com/                    ?   ? 
3 PHASER      2.5.2    'Mon Oct 8 13:56:31 2012 (svn )' program 'Randy J. Read'      cimr-phaser@lists.cam.ac.uk phasing           
http://www-structmed.cimr.cam.ac.uk/phaser/ ?   ? 
4 PHENIX      dev_1457 ?                                package 'Paul D. Adams'      PDAdams@lbl.gov             refinement        
http://www.phenix-online.org/               C++ ? 
5 PDB_EXTRACT 3.14     'Dec. 10, 2013'                  package PDB                  deposit@deposit.rcsb.org    'data extraction' 
http://sw-tools.pdb.org/apps/PDB_EXTRACT/   C++ ? 
# 
_cell.length_a           9.613 
_cell.length_b           13.827 
_cell.length_c           14.835 
_cell.angle_alpha        90.610 
_cell.angle_beta         103.120 
_cell.angle_gamma        108.300 
_cell.entry_id           4ONK 
_cell.pdbx_unique_axis   ? 
_cell.Z_PDB              2 
_cell.length_a_esd       ? 
_cell.length_b_esd       ? 
_cell.length_c_esd       ? 
_cell.angle_alpha_esd    ? 
_cell.angle_beta_esd     ? 
_cell.angle_gamma_esd    ? 
# 
_symmetry.space_group_name_H-M             'P 1' 
_symmetry.entry_id                         4ONK 
_symmetry.Int_Tables_number                1 
_symmetry.pdbx_full_space_group_name_H-M   ? 
_symmetry.cell_setting                     ? 
_symmetry.space_group_name_Hall            ? 
# 
_exptl.crystals_number   3 
_exptl.entry_id          4ONK 
_exptl.method            'X-RAY DIFFRACTION' 
# 
_exptl_crystal.id                    1 
_exptl_crystal.density_Matthews      ? 
_exptl_crystal.density_meas          ? 
_exptl_crystal.density_percent_sol   ? 
_exptl_crystal.description           ? 
_exptl_crystal.F_000                 ? 
_exptl_crystal.preparation           ? 
# 
_exptl_crystal_grow.crystal_id      1 
_exptl_crystal_grow.method          'VAPOR DIFFUSION, HANGING DROP' 
_exptl_crystal_grow.pH              ? 
_exptl_crystal_grow.temp            298 
_exptl_crystal_grow.pdbx_details    
'reservoir contained 25% PEG 3350, 0.2M Potassium Thiocyanate, vapor diffusion, hanging drop, temperature 298K' 
_exptl_crystal_grow.temp_details    ? 
_exptl_crystal_grow.pdbx_pH_range   ? 
# 
_diffrn.id                     1 
_diffrn.ambient_temp           100 
_diffrn.ambient_temp_details   ? 
_diffrn.crystal_id             1 
# 
_diffrn_detector.diffrn_id              1 
_diffrn_detector.detector               CCD 
_diffrn_detector.type                   'ADSC QUANTUM 315' 
_diffrn_detector.pdbx_collection_date   2013-08-08 
_diffrn_detector.details                ? 
# 
_diffrn_radiation.diffrn_id                        1 
_diffrn_radiation.pdbx_diffrn_protocol             'SINGLE WAVELENGTH' 
_diffrn_radiation.monochromator                    ? 
_diffrn_radiation.wavelength_id                    1 
_diffrn_radiation.pdbx_monochromatic_or_laue_m_l   M 
_diffrn_radiation.pdbx_scattering_type             x-ray 
# 
_diffrn_radiation_wavelength.id           1 
_diffrn_radiation_wavelength.wavelength   0.9791 
_diffrn_radiation_wavelength.wt           1.0 
# 
_diffrn_source.diffrn_id                   1 
_diffrn_source.source                      SYNCHROTRON 
_diffrn_source.type                        'APS BEAMLINE 24-ID-E' 
_diffrn_source.pdbx_wavelength_list        0.9791 
_diffrn_source.pdbx_wavelength             ? 
_diffrn_source.pdbx_synchrotron_site       APS 
_diffrn_source.pdbx_synchrotron_beamline   24-ID-E 
# 
_reflns.entry_id                     4ONK 
_reflns.d_resolution_high            1.900 
_reflns.d_resolution_low             100.000 
_reflns.number_obs                   537 
_reflns.pdbx_Rmerge_I_obs            0.151 
_reflns.pdbx_netI_over_sigmaI        10.700 
_reflns.pdbx_chi_squared             3.634 
_reflns.pdbx_redundancy              3.800 
_reflns.percent_possible_obs         96.900 
_reflns.B_iso_Wilson_estimate        8.110 
_reflns.observed_criterion_sigma_F   ? 
_reflns.observed_criterion_sigma_I   -3.0 
_reflns.number_all                   537 
_reflns.pdbx_Rsym_value              ? 
_reflns.R_free_details               ? 
_reflns.limit_h_max                  ? 
_reflns.limit_h_min                  ? 
_reflns.limit_k_max                  ? 
_reflns.limit_k_min                  ? 
_reflns.limit_l_max                  ? 
_reflns.limit_l_min                  ? 
_reflns.observed_criterion_F_max     ? 
_reflns.observed_criterion_F_min     ? 
_reflns.pdbx_scaling_rejects         ? 
_reflns.pdbx_ordinal                 1 
_reflns.pdbx_diffrn_id               1 
# 
loop_
_reflns_shell.d_res_high 
_reflns_shell.d_res_low 
_reflns_shell.number_measured_obs 
_reflns_shell.number_measured_all 
_reflns_shell.number_unique_obs 
_reflns_shell.Rmerge_I_obs 
_reflns_shell.meanI_over_sigI_obs 
_reflns_shell.pdbx_Rsym_value 
_reflns_shell.pdbx_chi_squared 
_reflns_shell.pdbx_redundancy 
_reflns_shell.percent_possible_obs 
_reflns_shell.number_unique_all 
_reflns_shell.percent_possible_all 
_reflns_shell.pdbx_ordinal 
_reflns_shell.pdbx_diffrn_id 
1.900 1.970   ? ? ? 0.153 ? ? 1.927 3.400 ? 50 90.900  1  1 
1.970 2.050   ? ? ? 0.216 ? ? 5.114 3.300 ? 54 98.200  2  1 
2.050 2.140   ? ? ? 0.160 ? ? 3.340 3.900 ? 51 100.000 3  1 
2.140 2.250   ? ? ? 0.195 ? ? 3.094 3.800 ? 58 100.000 4  1 
2.250 2.390   ? ? ? 0.182 ? ? 2.323 3.700 ? 60 93.800  5  1 
2.390 2.580   ? ? ? 0.148 ? ? 2.509 3.900 ? 46 100.000 6  1 
2.580 2.840   ? ? ? 0.157 ? ? 2.561 3.900 ? 55 94.800  7  1 
2.840 3.250   ? ? ? 0.152 ? ? 4.402 3.900 ? 59 100.000 8  1 
3.250 4.090   ? ? ? 0.147 ? ? 6.223 3.800 ? 50 98.000  9  1 
4.090 100.000 ? ? ? 0.123 ? ? 4.655 4.600 ? 54 94.700  10 1 
# 
_refine.entry_id                                 4ONK 
_refine.ls_d_res_high                            1.9000 
_refine.ls_d_res_low                             9.2780 
_refine.pdbx_ls_sigma_F                          35.130 
_refine.pdbx_data_cutoff_high_absF               ? 
_refine.pdbx_data_cutoff_low_absF                ? 
_refine.ls_percent_reflns_obs                    93.8800 
_refine.ls_number_reflns_obs                     522 
_refine.ls_number_reflns_all                     522 
_refine.pdbx_ls_cross_valid_method               ? 
_refine.pdbx_R_Free_selection_details            RANDOM 
_refine.details                                  ? 
_refine.ls_R_factor_all                          0.1549 
_refine.ls_R_factor_obs                          0.1549 
_refine.ls_R_factor_R_work                       0.1513 
_refine.ls_wR_factor_R_work                      ? 
_refine.ls_R_factor_R_free                       0.1994 
_refine.ls_wR_factor_R_free                      ? 
_refine.ls_percent_reflns_R_free                 9.0000 
_refine.ls_number_reflns_R_free                  47 
_refine.ls_R_factor_R_free_error                 ? 
_refine.B_iso_mean                               14.1500 
_refine.solvent_model_param_bsol                 ? 
_refine.solvent_model_param_ksol                 ? 
_refine.pdbx_isotropic_thermal_model             ? 
_refine.aniso_B[1][1]                            ? 
_refine.aniso_B[2][2]                            ? 
_refine.aniso_B[3][3]                            ? 
_refine.aniso_B[1][2]                            ? 
_refine.aniso_B[1][3]                            ? 
_refine.aniso_B[2][3]                            ? 
_refine.correlation_coeff_Fo_to_Fc               ? 
_refine.correlation_coeff_Fo_to_Fc_free          ? 
_refine.overall_SU_R_Cruickshank_DPI             ? 
_refine.overall_SU_R_free                        ? 
_refine.pdbx_overall_ESU_R                       ? 
_refine.pdbx_overall_ESU_R_Free                  ? 
_refine.overall_SU_ML                            0.2900 
_refine.overall_SU_B                             ? 
_refine.solvent_model_details                    'FLAT BULK SOLVENT MODEL' 
_refine.pdbx_solvent_vdw_probe_radii             1.1100 
_refine.pdbx_solvent_ion_probe_radii             ? 
_refine.pdbx_solvent_shrinkage_radii             0.9000 
_refine.ls_number_parameters                     ? 
_refine.ls_number_restraints                     ? 
_refine.pdbx_starting_model                      'ideal beta strand with sequence AVVAA' 
_refine.pdbx_method_to_determine_struct          'MOLECULAR REPLACEMENT' 
_refine.pdbx_stereochemistry_target_values       LS_WUNIT_K1 
_refine.pdbx_stereochem_target_val_spec_case     ? 
_refine.overall_FOM_work_R_set                   0.8404 
_refine.B_iso_max                                22.760 
_refine.B_iso_min                                8.290 
_refine.pdbx_overall_phase_error                 23.6600 
_refine.occupancy_max                            ? 
_refine.occupancy_min                            ? 
_refine.pdbx_ls_sigma_I                          ? 
_refine.ls_redundancy_reflns_obs                 ? 
_refine.ls_R_factor_R_free_error_details         ? 
_refine.pdbx_data_cutoff_high_rms_absF           ? 
_refine.overall_FOM_free_R_set                   ? 
_refine.pdbx_diffrn_id                           1 
_refine.pdbx_refine_id                           'X-RAY DIFFRACTION' 
_refine.pdbx_TLS_residual_ADP_flag               ? 
_refine.pdbx_overall_SU_R_free_Cruickshank_DPI   ? 
_refine.pdbx_overall_SU_R_Blow_DPI               ? 
_refine.pdbx_overall_SU_R_free_Blow_DPI          ? 
# 
_refine_hist.pdbx_refine_id                   'X-RAY DIFFRACTION' 
_refine_hist.cycle_id                         LAST 
_refine_hist.pdbx_number_atoms_protein        92 
_refine_hist.pdbx_number_atoms_nucleic_acid   0 
_refine_hist.pdbx_number_atoms_ligand         0 
_refine_hist.number_atoms_solvent             3 
_refine_hist.number_atoms_total               95 
_refine_hist.d_res_high                       1.9000 
_refine_hist.d_res_low                        9.2780 
# 
loop_
_refine_ls_restr.type 
_refine_ls_restr.number 
_refine_ls_restr.dev_ideal 
_refine_ls_restr.dev_ideal_target 
_refine_ls_restr.weight 
_refine_ls_restr.pdbx_restraint_function 
_refine_ls_restr.pdbx_refine_id 
f_bond_d           94  0.006  ? ? ? 'X-RAY DIFFRACTION' 
f_angle_d          128 0.842  ? ? ? 'X-RAY DIFFRACTION' 
f_chiral_restr     16  0.039  ? ? ? 'X-RAY DIFFRACTION' 
f_plane_restr      14  0.006  ? ? ? 'X-RAY DIFFRACTION' 
f_dihedral_angle_d 28  10.952 ? ? ? 'X-RAY DIFFRACTION' 
# 
_refine_ls_shell.d_res_high                       1.9003 
_refine_ls_shell.d_res_low                        ? 
_refine_ls_shell.pdbx_total_number_of_bins_used   1 
_refine_ls_shell.percent_reflns_obs               94.0000 
_refine_ls_shell.number_reflns_R_work             475 
_refine_ls_shell.R_factor_all                     ? 
_refine_ls_shell.R_factor_R_work                  0.1513 
_refine_ls_shell.R_factor_R_free                  0.1994 
_refine_ls_shell.percent_reflns_R_free            ? 
_refine_ls_shell.number_reflns_R_free             47 
_refine_ls_shell.R_factor_R_free_error            ? 
_refine_ls_shell.number_reflns_all                522 
_refine_ls_shell.number_reflns_obs                ? 
_refine_ls_shell.redundancy_reflns_obs            ? 
_refine_ls_shell.pdbx_refine_id                   'X-RAY DIFFRACTION' 
# 
_struct.entry_id                  4ONK 
_struct.title                     '[Leu-5]-Enkephalin mutant - YVVFL' 
_struct.pdbx_model_details        ? 
_struct.pdbx_CASP_flag            ? 
_struct.pdbx_model_type_details   ? 
# 
_struct_keywords.entry_id        4ONK 
_struct_keywords.text            'amyloid-like protofibril, PROTEIN FIBRIL' 
_struct_keywords.pdbx_keywords   'PROTEIN FIBRIL' 
# 
loop_
_struct_asym.id 
_struct_asym.pdbx_blank_PDB_chainid_flag 
_struct_asym.pdbx_modified 
_struct_asym.entity_id 
_struct_asym.details 
A N N 1 ? 
B N N 1 ? 
C N N 2 ? 
D N N 2 ? 
# 
_struct_ref.id                         1 
_struct_ref.db_name                    PDB 
_struct_ref.db_code                    4ONK 
_struct_ref.pdbx_db_accession          4ONK 
_struct_ref.entity_id                  1 
_struct_ref.pdbx_align_begin           ? 
_struct_ref.pdbx_seq_one_letter_code   YVVFL 
_struct_ref.pdbx_db_isoform            ? 
# 
loop_
_struct_ref_seq.align_id 
_struct_ref_seq.ref_id 
_struct_ref_seq.pdbx_PDB_id_code 
_struct_ref_seq.pdbx_strand_id 
_struct_ref_seq.seq_align_beg 
_struct_ref_seq.pdbx_seq_align_beg_ins_code 
_struct_ref_seq.seq_align_end 
_struct_ref_seq.pdbx_seq_align_end_ins_code 
_struct_ref_seq.pdbx_db_accession 
_struct_ref_seq.db_align_beg 
_struct_ref_seq.pdbx_db_align_beg_ins_code 
_struct_ref_seq.db_align_end 
_struct_ref_seq.pdbx_db_align_end_ins_code 
_struct_ref_seq.pdbx_auth_seq_align_beg 
_struct_ref_seq.pdbx_auth_seq_align_end 
1 1 4ONK A 1 ? 5 ? 4ONK 1 ? 5 ? 1 5 
2 1 4ONK B 1 ? 5 ? 4ONK 1 ? 5 ? 1 5 
# 
_pdbx_struct_assembly.id                   1 
_pdbx_struct_assembly.details              author_defined_assembly 
_pdbx_struct_assembly.method_details       ? 
_pdbx_struct_assembly.oligomeric_details   dodecameric 
_pdbx_struct_assembly.oligomeric_count     12 
# 
_pdbx_struct_assembly_gen.assembly_id       1 
_pdbx_struct_assembly_gen.oper_expression   1,2,3,4,5,6 
_pdbx_struct_assembly_gen.asym_id_list      A,B,C,D 
# 
loop_
_pdbx_struct_oper_list.id 
_pdbx_struct_oper_list.type 
_pdbx_struct_oper_list.name 
_pdbx_struct_oper_list.symmetry_operation 
_pdbx_struct_oper_list.matrix[1][1] 
_pdbx_struct_oper_list.matrix[1][2] 
_pdbx_struct_oper_list.matrix[1][3] 
_pdbx_struct_oper_list.vector[1] 
_pdbx_struct_oper_list.matrix[2][1] 
_pdbx_struct_oper_list.matrix[2][2] 
_pdbx_struct_oper_list.matrix[2][3] 
_pdbx_struct_oper_list.vector[2] 
_pdbx_struct_oper_list.matrix[3][1] 
_pdbx_struct_oper_list.matrix[3][2] 
_pdbx_struct_oper_list.matrix[3][3] 
_pdbx_struct_oper_list.vector[3] 
1 'identity operation'         1_555 x,y,z     1.0000000000 0.0000000000 0.0000000000 0.0000000000  0.0000000000 1.0000000000 0.0000000000 0.0000000000   0.0000000000 0.0000000000 1.0000000000 0.0000000000   
2 'crystal symmetry operation' 1_655 x+1,y,z   1.0000000000 0.0000000000 0.0000000000 -1.2897170228 0.0000000000 1.0000000000 0.0000000000 -8.1040989634  0.0000000000 0.0000000000 1.0000000000 -5.0069930091  
3 'crystal symmetry operation' 1_755 x+2,y,z   1.0000000000 0.0000000000 0.0000000000 -2.5794340457 0.0000000000 1.0000000000 0.0000000000 -16.2081979267 0.0000000000 0.0000000000 1.0000000000 -10.0139860181 
4 'crystal symmetry operation' 1_565 x,y+1,z   1.0000000000 0.0000000000 0.0000000000 3.4794934474  0.0000000000 1.0000000000 0.0000000000 -3.4003358578  0.0000000000 0.0000000000 1.0000000000 12.9428269866  
5 'crystal symmetry operation' 1_665 x+1,y+1,z 1.0000000000 0.0000000000 0.0000000000 2.1897764246  0.0000000000 1.0000000000 0.0000000000 -11.5044348211 0.0000000000 0.0000000000 1.0000000000 7.9358339775   
6 'crystal symmetry operation' 1_765 x+2,y+1,z 1.0000000000 0.0000000000 0.0000000000 0.9000594017  0.0000000000 1.0000000000 0.0000000000 -19.6085337845 0.0000000000 0.0000000000 1.0000000000 2.9288409685 
# 
_struct_biol.id        1 
_struct_biol.details   
;The biological unit is a pair of beta sheets. One sheet is constructed from chains A and B with unit cell translations along the a direction (i.e. X+1,Y,Z; X+2,Y,Z; X+3,Y,Z, etc.). The second sheet is constructed from X,Y+1,Z; X+1,Y+1,Z; X+2,Y+1,Z; etc.).
;
# 
_struct_sheet.id               A 
_struct_sheet.type             ? 
_struct_sheet.number_strands   2 
_struct_sheet.details          ? 
# 
_struct_sheet_order.sheet_id     A 
_struct_sheet_order.range_id_1   1 
_struct_sheet_order.range_id_2   2 
_struct_sheet_order.offset       ? 
_struct_sheet_order.sense        anti-parallel 
# 
loop_
_struct_sheet_range.sheet_id 
_struct_sheet_range.id 
_struct_sheet_range.beg_label_comp_id 
_struct_sheet_range.beg_label_asym_id 
_struct_sheet_range.beg_label_seq_id 
_struct_sheet_range.pdbx_beg_PDB_ins_code 
_struct_sheet_range.end_label_comp_id 
_struct_sheet_range.end_label_asym_id 
_struct_sheet_range.end_label_seq_id 
_struct_sheet_range.pdbx_end_PDB_ins_code 
_struct_sheet_range.beg_auth_comp_id 
_struct_sheet_range.beg_auth_asym_id 
_struct_sheet_range.beg_auth_seq_id 
_struct_sheet_range.end_auth_comp_id 
_struct_sheet_range.end_auth_asym_id 
_struct_sheet_range.end_auth_seq_id 
A 1 VAL A 2 ? PHE A 4 ? VAL A 2 PHE A 4 
A 2 VAL B 2 ? PHE B 4 ? VAL B 2 PHE B 4 
# 
_pdbx_struct_sheet_hbond.sheet_id                A 
_pdbx_struct_sheet_hbond.range_id_1              1 
_pdbx_struct_sheet_hbond.range_id_2              2 
_pdbx_struct_sheet_hbond.range_1_label_atom_id   N 
_pdbx_struct_sheet_hbond.range_1_label_comp_id   VAL 
_pdbx_struct_sheet_hbond.range_1_label_asym_id   A 
_pdbx_struct_sheet_hbond.range_1_label_seq_id    2 
_pdbx_struct_sheet_hbond.range_1_PDB_ins_code    ? 
_pdbx_struct_sheet_hbond.range_1_auth_atom_id    N 
_pdbx_struct_sheet_hbond.range_1_auth_comp_id    VAL 
_pdbx_struct_sheet_hbond.range_1_auth_asym_id    A 
_pdbx_struct_sheet_hbond.range_1_auth_seq_id     2 
_pdbx_struct_sheet_hbond.range_2_label_atom_id   O 
_pdbx_struct_sheet_hbond.range_2_label_comp_id   PHE 
_pdbx_struct_sheet_hbond.range_2_label_asym_id   B 
_pdbx_struct_sheet_hbond.range_2_label_seq_id    4 
_pdbx_struct_sheet_hbond.range_2_PDB_ins_code    ? 
_pdbx_struct_sheet_hbond.range_2_auth_atom_id    O 
_pdbx_struct_sheet_hbond.range_2_auth_comp_id    PHE 
_pdbx_struct_sheet_hbond.range_2_auth_asym_id    B 
_pdbx_struct_sheet_hbond.range_2_auth_seq_id     4 
# 
_pdbx_phasing_MR.entry_id                     4ONK 
_pdbx_phasing_MR.method_rotation              ? 
_pdbx_phasing_MR.method_translation           ? 
_pdbx_phasing_MR.model_details                'Phaser MODE: MR_AUTO' 
_pdbx_phasing_MR.R_factor                     ? 
_pdbx_phasing_MR.R_rigid_body                 ? 
_pdbx_phasing_MR.correlation_coeff_Fo_to_Fc   ? 
_pdbx_phasing_MR.correlation_coeff_Io_to_Ic   ? 
_pdbx_phasing_MR.d_res_high_rotation          1.900 
_pdbx_phasing_MR.d_res_low_rotation           9.280 
_pdbx_phasing_MR.d_res_high_translation       1.900 
_pdbx_phasing_MR.d_res_low_translation        9.280 
_pdbx_phasing_MR.packing                      ? 
_pdbx_phasing_MR.reflns_percent_rotation      ? 
_pdbx_phasing_MR.reflns_percent_translation   ? 
_pdbx_phasing_MR.sigma_F_rotation             ? 
_pdbx_phasing_MR.sigma_F_translation          ? 
_pdbx_phasing_MR.sigma_I_rotation             ? 
_pdbx_phasing_MR.sigma_I_translation          ? 
# 
_phasing.method   MR 
# 
loop_
_chem_comp_atom.comp_id 
_chem_comp_atom.atom_id 
_chem_comp_atom.type_symbol 
_chem_comp_atom.pdbx_aromatic_flag 
_chem_comp_atom.pdbx_stereo_config 
_chem_comp_atom.pdbx_ordinal 
HOH O    O N N 1  
HOH H1   H N N 2  
HOH H2   H N N 3  
LEU N    N N N 4  
LEU CA   C N S 5  
LEU C    C N N 6  
LEU O    O N N 7  
LEU CB   C N N 8  
LEU CG   C N N 9  
LEU CD1  C N N 10 
LEU CD2  C N N 11 
LEU OXT  O N N 12 
LEU H    H N N 13 
LEU H2   H N N 14 
LEU HA   H N N 15 
LEU HB2  H N N 16 
LEU HB3  H N N 17 
LEU HG   H N N 18 
LEU HD11 H N N 19 
LEU HD12 H N N 20 
LEU HD13 H N N 21 
LEU HD21 H N N 22 
LEU HD22 H N N 23 
LEU HD23 H N N 24 
LEU HXT  H N N 25 
PHE N    N N N 26 
PHE CA   C N S 27 
PHE C    C N N 28 
PHE O    O N N 29 
PHE CB   C N N 30 
PHE CG   C Y N 31 
PHE CD1  C Y N 32 
PHE CD2  C Y N 33 
PHE CE1  C Y N 34 
PHE CE2  C Y N 35 
PHE CZ   C Y N 36 
PHE OXT  O N N 37 
PHE H    H N N 38 
PHE H2   H N N 39 
PHE HA   H N N 40 
PHE HB2  H N N 41 
PHE HB3  H N N 42 
PHE HD1  H N N 43 
PHE HD2  H N N 44 
PHE HE1  H N N 45 
PHE HE2  H N N 46 
PHE HZ   H N N 47 
PHE HXT  H N N 48 
TYR N    N N N 49 
TYR CA   C N S 50 
TYR C    C N N 51 
TYR O    O N N 52 
TYR CB   C N N 53 
TYR CG   C Y N 54 
TYR CD1  C Y N 55 
TYR CD2  C Y N 56 
TYR CE1  C Y N 57 
TYR CE2  C Y N 58 
TYR CZ   C Y N 59 
TYR OH   O N N 60 
TYR OXT  O N N 61 
TYR H    H N N 62 
TYR H2   H N N 63 
TYR HA   H N N 64 
TYR HB2  H N N 65 
TYR HB3  H N N 66 
TYR HD1  H N N 67 
TYR HD2  H N N 68 
TYR HE1  H N N 69 
TYR HE2  H N N 70 
TYR HH   H N N 71 
TYR HXT  H N N 72 
VAL N    N N N 73 
VAL CA   C N S 74 
VAL C    C N N 75 
VAL O    O N N 76 
VAL CB   C N N 77 
VAL CG1  C N N 78 
VAL CG2  C N N 79 
VAL OXT  O N N 80 
VAL H    H N N 81 
VAL H2   H N N 82 
VAL HA   H N N 83 
VAL HB   H N N 84 
VAL HG11 H N N 85 
VAL HG12 H N N 86 
VAL HG13 H N N 87 
VAL HG21 H N N 88 
VAL HG22 H N N 89 
VAL HG23 H N N 90 
VAL HXT  H N N 91 
# 
loop_
_chem_comp_bond.comp_id 
_chem_comp_bond.atom_id_1 
_chem_comp_bond.atom_id_2 
_chem_comp_bond.value_order 
_chem_comp_bond.pdbx_aromatic_flag 
_chem_comp_bond.pdbx_stereo_config 
_chem_comp_bond.pdbx_ordinal 
HOH O   H1   sing N N 1  
HOH O   H2   sing N N 2  
LEU N   CA   sing N N 3  
LEU N   H    sing N N 4  
LEU N   H2   sing N N 5  
LEU CA  C    sing N N 6  
LEU CA  CB   sing N N 7  
LEU CA  HA   sing N N 8  
LEU C   O    doub N N 9  
LEU C   OXT  sing N N 10 
LEU CB  CG   sing N N 11 
LEU CB  HB2  sing N N 12 
LEU CB  HB3  sing N N 13 
LEU CG  CD1  sing N N 14 
LEU CG  CD2  sing N N 15 
LEU CG  HG   sing N N 16 
LEU CD1 HD11 sing N N 17 
LEU CD1 HD12 sing N N 18 
LEU CD1 HD13 sing N N 19 
LEU CD2 HD21 sing N N 20 
LEU CD2 HD22 sing N N 21 
LEU CD2 HD23 sing N N 22 
LEU OXT HXT  sing N N 23 
PHE N   CA   sing N N 24 
PHE N   H    sing N N 25 
PHE N   H2   sing N N 26 
PHE CA  C    sing N N 27 
PHE CA  CB   sing N N 28 
PHE CA  HA   sing N N 29 
PHE C   O    doub N N 30 
PHE C   OXT  sing N N 31 
PHE CB  CG   sing N N 32 
PHE CB  HB2  sing N N 33 
PHE CB  HB3  sing N N 34 
PHE CG  CD1  doub Y N 35 
PHE CG  CD2  sing Y N 36 
PHE CD1 CE1  sing Y N 37 
PHE CD1 HD1  sing N N 38 
PHE CD2 CE2  doub Y N 39 
PHE CD2 HD2  sing N N 40 
PHE CE1 CZ   doub Y N 41 
PHE CE1 HE1  sing N N 42 
PHE CE2 CZ   sing Y N 43 
PHE CE2 HE2  sing N N 44 
PHE CZ  HZ   sing N N 45 
PHE OXT HXT  sing N N 46 
TYR N   CA   sing N N 47 
TYR N   H    sing N N 48 
TYR N   H2   sing N N 49 
TYR CA  C    sing N N 50 
TYR CA  CB   sing N N 51 
TYR CA  HA   sing N N 52 
TYR C   O    doub N N 53 
TYR C   OXT  sing N N 54 
TYR CB  CG   sing N N 55 
TYR CB  HB2  sing N N 56 
TYR CB  HB3  sing N N 57 
TYR CG  CD1  doub Y N 58 
TYR CG  CD2  sing Y N 59 
TYR CD1 CE1  sing Y N 60 
TYR CD1 HD1  sing N N 61 
TYR CD2 CE2  doub Y N 62 
TYR CD2 HD2  sing N N 63 
TYR CE1 CZ   doub Y N 64 
TYR CE1 HE1  sing N N 65 
TYR CE2 CZ   sing Y N 66 
TYR CE2 HE2  sing N N 67 
TYR CZ  OH   sing N N 68 
TYR OH  HH   sing N N 69 
TYR OXT HXT  sing N N 70 
VAL N   CA   sing N N 71 
VAL N   H    sing N N 72 
VAL N   H2   sing N N 73 
VAL CA  C    sing N N 74 
VAL CA  CB   sing N N 75 
VAL CA  HA   sing N N 76 
VAL C   O    doub N N 77 
VAL C   OXT  sing N N 78 
VAL CB  CG1  sing N N 79 
VAL CB  CG2  sing N N 80 
VAL CB  HB   sing N N 81 
VAL CG1 HG11 sing N N 82 
VAL CG1 HG12 sing N N 83 
VAL CG1 HG13 sing N N 84 
VAL CG2 HG21 sing N N 85 
VAL CG2 HG22 sing N N 86 
VAL CG2 HG23 sing N N 87 
VAL OXT HXT  sing N N 88 
# 
_pdbx_initial_refinement_model.accession_code   ? 
_pdbx_initial_refinement_model.id               1 
_pdbx_initial_refinement_model.entity_id_list   ? 
_pdbx_initial_refinement_model.type             'in silico model' 
_pdbx_initial_refinement_model.source_name      Other 
_pdbx_initial_refinement_model.details          'ideal beta strand with sequence AVVAA' 
# 
_atom_sites.entry_id                    4ONK 
_atom_sites.fract_transf_matrix[1][1]   -0.03282662 
_atom_sites.fract_transf_matrix[1][2]   -0.10635551 
_atom_sites.fract_transf_matrix[1][3]   -0.01912312 
_atom_sites.fract_transf_matrix[2][1]   0.01027140 
_atom_sites.fract_transf_matrix[2][2]   -0.04100701 
_atom_sites.fract_transf_matrix[2][3]   0.06372641 
_atom_sites.fract_transf_matrix[3][1]   -0.06712868 
_atom_sites.fract_transf_matrix[3][2]   -0.00040152 
_atom_sites.fract_transf_matrix[3][3]   0.01794110 
_atom_sites.fract_transf_vector[1]      0.160801 
_atom_sites.fract_transf_vector[2]      0.386207 
_atom_sites.fract_transf_vector[3]      0.301118 
# 
loop_
_atom_type.symbol 
C 
N 
O 
# 
loop_
_atom_site.group_PDB 
_atom_site.id 
_atom_site.type_symbol 
_atom_site.label_atom_id 
_atom_site.label_alt_id 
_atom_site.label_comp_id 
_atom_site.label_asym_id 
_atom_site.label_entity_id 
_atom_site.label_seq_id 
_atom_site.pdbx_PDB_ins_code 
_atom_site.Cartn_x 
_atom_site.Cartn_y 
_atom_site.Cartn_z 
_atom_site.occupancy 
_atom_site.B_iso_or_equiv 
_atom_site.pdbx_formal_charge 
_atom_site.auth_seq_id 
_atom_site.auth_comp_id 
_atom_site.auth_asym_id 
_atom_site.auth_atom_id 
_atom_site.pdbx_PDB_model_num 
ATOM   1  N N   . TYR A 1 1 ? 4.624  0.197  -6.712 1.00 15.08 ? 1   TYR A N   1 
ATOM   2  C CA  . TYR A 1 1 ? 3.307  0.442  -6.126 1.00 15.38 ? 1   TYR A CA  1 
ATOM   3  C C   . TYR A 1 1 ? 2.846  -0.721 -5.265 1.00 14.41 ? 1   TYR A C   1 
ATOM   4  O O   . TYR A 1 1 ? 2.798  -1.851 -5.738 1.00 11.24 ? 1   TYR A O   1 
ATOM   5  C CB  . TYR A 1 1 ? 2.277  0.694  -7.220 1.00 13.95 ? 1   TYR A CB  1 
ATOM   6  C CG  . TYR A 1 1 ? 0.868  0.920  -6.715 1.00 13.59 ? 1   TYR A CG  1 
ATOM   7  C CD1 . TYR A 1 1 ? 0.470  2.171  -6.267 1.00 16.41 ? 1   TYR A CD1 1 
ATOM   8  C CD2 . TYR A 1 1 ? -0.071 -0.109 -6.710 1.00 13.76 ? 1   TYR A CD2 1 
ATOM   9  C CE1 . TYR A 1 1 ? -0.812 2.397  -5.815 1.00 16.02 ? 1   TYR A CE1 1 
ATOM   10 C CE2 . TYR A 1 1 ? -1.363 0.103  -6.252 1.00 15.36 ? 1   TYR A CE2 1 
ATOM   11 C CZ  . TYR A 1 1 ? -1.725 1.361  -5.811 1.00 19.20 ? 1   TYR A CZ  1 
ATOM   12 O OH  . TYR A 1 1 ? -3.002 1.600  -5.361 1.00 21.18 ? 1   TYR A OH  1 
ATOM   13 N N   . VAL A 1 2 ? 2.508  -0.454 -4.004 1.00 10.79 ? 2   VAL A N   1 
ATOM   14 C CA  . VAL A 1 2 ? 1.998  -1.509 -3.128 1.00 12.56 ? 2   VAL A CA  1 
ATOM   15 C C   . VAL A 1 2 ? 0.838  -1.032 -2.270 1.00 12.02 ? 2   VAL A C   1 
ATOM   16 O O   . VAL A 1 2 ? 0.881  0.062  -1.701 1.00 10.79 ? 2   VAL A O   1 
ATOM   17 C CB  . VAL A 1 2 ? 3.087  -2.056 -2.184 1.00 14.29 ? 2   VAL A CB  1 
ATOM   18 C CG1 . VAL A 1 2 ? 2.511  -3.126 -1.269 1.00 12.86 ? 2   VAL A CG1 1 
ATOM   19 C CG2 . VAL A 1 2 ? 4.273  -2.602 -2.960 1.00 16.40 ? 2   VAL A CG2 1 
ATOM   20 N N   . VAL A 1 3 ? -0.203 -1.850 -2.179 1.00 9.30  ? 3   VAL A N   1 
ATOM   21 C CA  . VAL A 1 3 ? -1.260 -1.614 -1.205 1.00 11.13 ? 3   VAL A CA  1 
ATOM   22 C C   . VAL A 1 3 ? -1.466 -2.874 -0.373 1.00 11.64 ? 3   VAL A C   1 
ATOM   23 O O   . VAL A 1 3 ? -1.598 -3.968 -0.921 1.00 10.32 ? 3   VAL A O   1 
ATOM   24 C CB  . VAL A 1 3 ? -2.586 -1.199 -1.885 1.00 8.88  ? 3   VAL A CB  1 
ATOM   25 C CG1 . VAL A 1 3 ? -3.717 -1.136 -0.877 1.00 11.59 ? 3   VAL A CG1 1 
ATOM   26 C CG2 . VAL A 1 3 ? -2.425 0.139  -2.564 1.00 11.53 ? 3   VAL A CG2 1 
ATOM   27 N N   . PHE A 1 4 ? -1.457 -2.728 0.950  1.00 9.31  ? 4   PHE A N   1 
ATOM   28 C CA  . PHE A 1 4 ? -1.836 -3.831 1.825  1.00 11.61 ? 4   PHE A CA  1 
ATOM   29 C C   . PHE A 1 4 ? -3.068 -3.453 2.637  1.00 13.96 ? 4   PHE A C   1 
ATOM   30 O O   . PHE A 1 4 ? -3.107 -2.389 3.259  1.00 11.95 ? 4   PHE A O   1 
ATOM   31 C CB  . PHE A 1 4 ? -0.696 -4.229 2.767  1.00 11.36 ? 4   PHE A CB  1 
ATOM   32 C CG  . PHE A 1 4 ? -1.132 -5.158 3.862  1.00 13.26 ? 4   PHE A CG  1 
ATOM   33 C CD1 . PHE A 1 4 ? -1.307 -6.510 3.608  1.00 12.66 ? 4   PHE A CD1 1 
ATOM   34 C CD2 . PHE A 1 4 ? -1.405 -4.678 5.136  1.00 14.79 ? 4   PHE A CD2 1 
ATOM   35 C CE1 . PHE A 1 4 ? -1.737 -7.373 4.603  1.00 14.35 ? 4   PHE A CE1 1 
ATOM   36 C CE2 . PHE A 1 4 ? -1.837 -5.533 6.139  1.00 15.02 ? 4   PHE A CE2 1 
ATOM   37 C CZ  . PHE A 1 4 ? -2.004 -6.887 5.872  1.00 16.54 ? 4   PHE A CZ  1 
ATOM   38 N N   . LEU A 1 5 ? -4.069 -4.326 2.634  1.00 11.16 ? 5   LEU A N   1 
ATOM   39 C CA  . LEU A 1 5 ? -5.276 -4.080 3.416  1.00 13.03 ? 5   LEU A CA  1 
ATOM   40 C C   . LEU A 1 5 ? -5.673 -5.297 4.253  1.00 16.38 ? 5   LEU A C   1 
ATOM   41 O O   . LEU A 1 5 ? -5.760 -6.419 3.753  1.00 13.52 ? 5   LEU A O   1 
ATOM   42 C CB  . LEU A 1 5 ? -6.431 -3.683 2.503  1.00 15.47 ? 5   LEU A CB  1 
ATOM   43 C CG  . LEU A 1 5 ? -7.671 -3.213 3.260  1.00 18.47 ? 5   LEU A CG  1 
ATOM   44 C CD1 . LEU A 1 5 ? -7.260 -2.197 4.289  1.00 20.64 ? 5   LEU A CD1 1 
ATOM   45 C CD2 . LEU A 1 5 ? -8.664 -2.586 2.327  1.00 22.76 ? 5   LEU A CD2 1 
ATOM   46 O OXT . LEU A 1 5 ? -5.937 -5.186 5.456  1.00 15.56 ? 5   LEU A OXT 1 
ATOM   47 N N   . TYR B 1 1 ? -3.645 -0.632 7.356  1.00 12.93 ? 1   TYR B N   1 
ATOM   48 C CA  . TYR B 1 1 ? -3.640 -0.307 5.930  1.00 14.65 ? 1   TYR B CA  1 
ATOM   49 C C   . TYR B 1 1 ? -2.425 0.521  5.552  1.00 13.84 ? 1   TYR B C   1 
ATOM   50 O O   . TYR B 1 1 ? -2.128 1.511  6.206  1.00 13.58 ? 1   TYR B O   1 
ATOM   51 C CB  . TYR B 1 1 ? -4.909 0.457  5.554  1.00 11.56 ? 1   TYR B CB  1 
ATOM   52 C CG  . TYR B 1 1 ? -4.899 1.045  4.160  1.00 14.66 ? 1   TYR B CG  1 
ATOM   53 C CD1 . TYR B 1 1 ? -5.394 0.326  3.087  1.00 13.98 ? 1   TYR B CD1 1 
ATOM   54 C CD2 . TYR B 1 1 ? -4.417 2.333  3.920  1.00 14.45 ? 1   TYR B CD2 1 
ATOM   55 C CE1 . TYR B 1 1 ? -5.413 0.859  1.810  1.00 17.66 ? 1   TYR B CE1 1 
ATOM   56 C CE2 . TYR B 1 1 ? -4.424 2.875  2.638  1.00 17.46 ? 1   TYR B CE2 1 
ATOM   57 C CZ  . TYR B 1 1 ? -4.926 2.128  1.586  1.00 17.32 ? 1   TYR B CZ  1 
ATOM   58 O OH  . TYR B 1 1 ? -4.948 2.640  0.307  1.00 18.48 ? 1   TYR B OH  1 
ATOM   59 N N   . VAL B 1 2 ? -1.736 0.141  4.483  1.00 11.39 ? 2   VAL B N   1 
ATOM   60 C CA  . VAL B 1 2 ? -0.670 0.983  3.978  1.00 10.32 ? 2   VAL B CA  1 
ATOM   61 C C   . VAL B 1 2 ? -0.704 1.029  2.462  1.00 11.60 ? 2   VAL B C   1 
ATOM   62 O O   . VAL B 1 2 ? -1.017 0.039  1.795  1.00 8.29  ? 2   VAL B O   1 
ATOM   63 C CB  . VAL B 1 2 ? 0.729  0.510  4.453  1.00 12.92 ? 2   VAL B CB  1 
ATOM   64 C CG1 . VAL B 1 2 ? 1.106  -0.820 3.812  1.00 12.80 ? 2   VAL B CG1 1 
ATOM   65 C CG2 . VAL B 1 2 ? 1.790  1.569  4.144  1.00 11.13 ? 2   VAL B CG2 1 
ATOM   66 N N   . VAL B 1 3 ? -0.403 2.202  1.925  1.00 10.85 ? 3   VAL B N   1 
ATOM   67 C CA  . VAL B 1 3 ? -0.156 2.332  0.502  1.00 11.67 ? 3   VAL B CA  1 
ATOM   68 C C   . VAL B 1 3 ? 1.172  3.047  0.322  1.00 11.22 ? 3   VAL B C   1 
ATOM   69 O O   . VAL B 1 3 ? 1.446  4.049  0.981  1.00 9.02  ? 3   VAL B O   1 
ATOM   70 C CB  . VAL B 1 3 ? -1.290 3.097  -0.221 1.00 11.70 ? 3   VAL B CB  1 
ATOM   71 C CG1 . VAL B 1 3 ? -1.613 4.400  0.496  1.00 11.87 ? 3   VAL B CG1 1 
ATOM   72 C CG2 . VAL B 1 3 ? -0.920 3.353  -1.676 1.00 12.95 ? 3   VAL B CG2 1 
ATOM   73 N N   . PHE B 1 4 ? 2.027  2.512  -0.535 1.00 12.24 ? 4   PHE B N   1 
ATOM   74 C CA  . PHE B 1 4 ? 3.215  3.264  -0.878 1.00 12.78 ? 4   PHE B CA  1 
ATOM   75 C C   . PHE B 1 4 ? 3.556  3.153  -2.347 1.00 14.83 ? 4   PHE B C   1 
ATOM   76 O O   . PHE B 1 4 ? 3.330  2.124  -2.983 1.00 12.15 ? 4   PHE B O   1 
ATOM   77 C CB  . PHE B 1 4 ? 4.403  2.850  -0.010 1.00 15.64 ? 4   PHE B CB  1 
ATOM   78 C CG  . PHE B 1 4 ? 4.682  1.376  0.035  1.00 16.11 ? 4   PHE B CG  1 
ATOM   79 C CD1 . PHE B 1 4 ? 4.026  0.556  0.947  1.00 20.56 ? 4   PHE B CD1 1 
ATOM   80 C CD2 . PHE B 1 4 ? 5.669  0.823  -0.763 1.00 17.43 ? 4   PHE B CD2 1 
ATOM   81 C CE1 . PHE B 1 4 ? 4.317  -0.807 1.028  1.00 18.84 ? 4   PHE B CE1 1 
ATOM   82 C CE2 . PHE B 1 4 ? 5.965  -0.532 -0.688 1.00 18.61 ? 4   PHE B CE2 1 
ATOM   83 C CZ  . PHE B 1 4 ? 5.292  -1.345 0.216  1.00 18.54 ? 4   PHE B CZ  1 
ATOM   84 N N   . LEU B 1 5 ? 4.082  4.243  -2.888 1.00 14.34 ? 5   LEU B N   1 
ATOM   85 C CA  . LEU B 1 5 ? 4.318  4.321  -4.315 1.00 12.93 ? 5   LEU B CA  1 
ATOM   86 C C   . LEU B 1 5 ? 5.407  5.329  -4.635 1.00 14.20 ? 5   LEU B C   1 
ATOM   87 O O   . LEU B 1 5 ? 5.555  6.325  -3.933 1.00 13.42 ? 5   LEU B O   1 
ATOM   88 C CB  . LEU B 1 5 ? 3.018  4.686  -5.031 1.00 15.25 ? 5   LEU B CB  1 
ATOM   89 C CG  . LEU B 1 5 ? 2.260  5.920  -4.526 1.00 15.53 ? 5   LEU B CG  1 
ATOM   90 C CD1 . LEU B 1 5 ? 2.709  7.190  -5.233 1.00 16.23 ? 5   LEU B CD1 1 
ATOM   91 C CD2 . LEU B 1 5 ? 0.770  5.725  -4.704 1.00 15.90 ? 5   LEU B CD2 1 
ATOM   92 O OXT . LEU B 1 5 ? 6.151  5.180  -5.604 1.00 14.69 ? 5   LEU B OXT 1 
HETATM 93 O O   . HOH C 2 . ? -2.246 -3.187 8.304  1.00 18.12 ? 101 HOH A O   1 
HETATM 94 O O   . HOH D 2 . ? 6.245  0.382  -4.634 1.00 22.25 ? 101 HOH B O   1 
HETATM 95 O O   . HOH D 2 . ? 8.191  3.292  -2.739 1.00 13.75 ? 102 HOH B O   1 
# 
